data_1FMN
#
_entry.id   1FMN
#
_cell.length_a   1.000
_cell.length_b   1.000
_cell.length_c   1.000
_cell.angle_alpha   90.00
_cell.angle_beta   90.00
_cell.angle_gamma   90.00
#
_symmetry.space_group_name_H-M   'P 1'
#
loop_
_entity.id
_entity.type
_entity.pdbx_description
1 polymer "RNA (5'-R(*GP*GP*CP*GP*UP*GP*UP*AP*GP*GP *AP*UP*AP*UP*GP*CP*UP*UP*CP*GP*GP*CP*AP*GP*AP*AP*GP *GP*AP*CP*AP*CP*GP*CP*C)-3')"
2 non-polymer 'FLAVIN MONONUCLEOTIDE'
#
_entity_poly.entity_id   1
_entity_poly.type   'polyribonucleotide'
_entity_poly.pdbx_seq_one_letter_code
;GGCGUGUAGGAUAUGCUUCGGCAGAAGGACACGCC
;
_entity_poly.pdbx_strand_id   A
#